data_4R1Y
#
_entry.id   4R1Y
#
_cell.length_a   38.157
_cell.length_b   42.882
_cell.length_c   169.502
_cell.angle_alpha   90.00
_cell.angle_beta   90.00
_cell.angle_gamma   90.00
#
_symmetry.space_group_name_H-M   'P 21 21 21'
#
loop_
_entity.id
_entity.type
_entity.pdbx_description
1 polymer 'Hepatocyte growth factor receptor'
2 non-polymer '3-(diethylamino)propyl (3-{[5-(3,4-dimethoxyphenyl)-2-oxo-2H-1,3,4-thiadiazin-3(6H)-yl]methyl}phenyl)carbamate'
3 non-polymer 2-(2-(2-(2-(2-(2-ETHOXYETHOXY)ETHOXY)ETHOXY)ETHOXY)ETHOXY)ETHANOL
4 water water
#
_entity_poly.entity_id   1
_entity_poly.type   'polypeptide(L)'
_entity_poly.pdbx_seq_one_letter_code
;LSALNPELVQAVQHVVIGPSSLIVHFNEVIGRGHFGCVYHGTLLDNDGKKIHCAVKSLNRITDIGEVSQFLTEGIIMKDF
SHPNVLSLLGICLRSEGSPLVVLPYMKHGDLRNFIRNETHNPTVKDLIGFGLQVAKGMKYLASKKFVHRDLAARNCMLDE
KFTVKVADFGLARDMYDKEYYSVHNKTGAKLPVKWMALESLQTQKFTTKSDVWSFGVLLWELMTRGAPPYPDVNTFDITV
YLLQGRRLLQPEYCPDPLYEVMLKCWHPKAEMRPSFSELVSRISAIFSTFIG
;
_entity_poly.pdbx_strand_id   A
#
loop_
_chem_comp.id
_chem_comp.type
_chem_comp.name
_chem_comp.formula
3EH non-polymer '3-(diethylamino)propyl (3-{[5-(3,4-dimethoxyphenyl)-2-oxo-2H-1,3,4-thiadiazin-3(6H)-yl]methyl}phenyl)carbamate' 'C26 H34 N4 O5 S'
7PE non-polymer 2-(2-(2-(2-(2-(2-ETHOXYETHOXY)ETHOXY)ETHOXY)ETHOXY)ETHOXY)ETHANOL 'C14 H30 O7'
#
# COMPACT_ATOMS: atom_id res chain seq x y z
N LEU A 8 7.06 -28.42 -8.77
CA LEU A 8 6.36 -27.08 -8.75
C LEU A 8 6.58 -26.35 -7.43
N VAL A 9 6.61 -25.03 -7.50
CA VAL A 9 6.70 -24.19 -6.32
C VAL A 9 5.39 -24.12 -5.55
N GLN A 10 4.98 -25.26 -4.99
CA GLN A 10 4.03 -25.30 -3.90
C GLN A 10 4.86 -25.34 -2.63
N ALA A 11 5.46 -24.19 -2.31
CA ALA A 11 6.09 -23.94 -1.01
C ALA A 11 5.00 -23.53 -0.02
N VAL A 12 3.76 -23.58 -0.50
CA VAL A 12 2.56 -23.69 0.33
C VAL A 12 2.81 -24.70 1.47
N GLN A 13 3.40 -25.83 1.13
CA GLN A 13 3.81 -26.89 2.09
C GLN A 13 4.30 -26.35 3.46
N HIS A 14 5.21 -25.38 3.44
CA HIS A 14 5.77 -24.82 4.69
C HIS A 14 4.81 -23.84 5.36
N VAL A 15 3.87 -23.32 4.59
CA VAL A 15 3.00 -22.23 5.00
C VAL A 15 1.59 -22.72 5.34
N VAL A 16 1.34 -24.01 5.11
CA VAL A 16 -0.02 -24.54 5.25
C VAL A 16 -0.47 -24.54 6.69
N ILE A 17 -1.64 -23.97 6.91
CA ILE A 17 -2.34 -24.11 8.17
C ILE A 17 -3.31 -25.27 7.99
N GLY A 18 -3.12 -26.31 8.79
CA GLY A 18 -4.00 -27.47 8.70
C GLY A 18 -5.45 -27.09 8.95
N PRO A 19 -6.39 -27.89 8.41
CA PRO A 19 -7.82 -27.61 8.59
C PRO A 19 -8.29 -27.66 10.04
N SER A 20 -7.53 -28.31 10.93
CA SER A 20 -7.87 -28.38 12.34
C SER A 20 -7.44 -27.13 13.13
N SER A 21 -6.73 -26.20 12.47
CA SER A 21 -6.13 -25.05 13.15
C SER A 21 -6.80 -23.72 12.82
N LEU A 22 -7.75 -23.71 11.90
CA LEU A 22 -8.42 -22.47 11.54
C LEU A 22 -9.93 -22.59 11.64
N ILE A 23 -10.52 -21.72 12.45
CA ILE A 23 -11.96 -21.51 12.43
C ILE A 23 -12.18 -20.21 11.66
N VAL A 24 -12.95 -20.27 10.57
CA VAL A 24 -13.30 -19.09 9.81
C VAL A 24 -14.75 -18.71 10.12
N HIS A 25 -14.99 -17.43 10.38
CA HIS A 25 -16.34 -16.95 10.65
C HIS A 25 -16.92 -16.30 9.40
N PHE A 26 -17.56 -17.14 8.58
CA PHE A 26 -18.07 -16.71 7.30
C PHE A 26 -19.22 -15.68 7.38
N ASN A 27 -19.86 -15.59 8.55
CA ASN A 27 -20.88 -14.57 8.78
C ASN A 27 -20.30 -13.20 9.12
N GLU A 28 -18.99 -13.14 9.35
CA GLU A 28 -18.32 -11.90 9.73
C GLU A 28 -17.39 -11.39 8.62
N VAL A 29 -18.01 -10.77 7.61
CA VAL A 29 -17.28 -10.15 6.50
C VAL A 29 -16.69 -8.83 6.98
N ILE A 30 -15.36 -8.74 7.00
CA ILE A 30 -14.65 -7.56 7.49
C ILE A 30 -13.91 -6.84 6.36
N GLY A 31 -14.18 -7.26 5.13
CA GLY A 31 -13.54 -6.67 3.96
C GLY A 31 -13.98 -7.33 2.67
N ARG A 32 -13.63 -6.72 1.55
CA ARG A 32 -14.00 -7.24 0.23
C ARG A 32 -12.99 -6.82 -0.84
N GLY A 33 -12.61 -7.77 -1.69
CA GLY A 33 -11.76 -7.49 -2.85
C GLY A 33 -12.38 -8.06 -4.11
N HIS A 34 -11.78 -7.74 -5.26
CA HIS A 34 -12.21 -8.27 -6.53
C HIS A 34 -12.09 -9.81 -6.61
N PHE A 35 -11.08 -10.35 -5.93
CA PHE A 35 -10.84 -11.81 -5.90
C PHE A 35 -11.64 -12.54 -4.81
N GLY A 36 -12.09 -11.83 -3.79
CA GLY A 36 -12.85 -12.46 -2.72
C GLY A 36 -12.95 -11.64 -1.45
N CYS A 37 -13.73 -12.14 -0.50
CA CYS A 37 -13.99 -11.43 0.75
C CYS A 37 -12.90 -11.65 1.77
N VAL A 38 -12.89 -10.80 2.78
CA VAL A 38 -12.07 -11.03 3.95
C VAL A 38 -13.02 -11.33 5.11
N TYR A 39 -12.73 -12.41 5.83
CA TYR A 39 -13.53 -12.81 6.99
C TYR A 39 -12.69 -12.76 8.26
N HIS A 40 -13.37 -12.54 9.38
CA HIS A 40 -12.77 -12.71 10.69
C HIS A 40 -12.52 -14.21 10.87
N GLY A 41 -11.36 -14.57 11.43
CA GLY A 41 -11.03 -15.97 11.69
C GLY A 41 -10.35 -16.14 13.04
N THR A 42 -10.23 -17.39 13.47
CA THR A 42 -9.52 -17.72 14.69
C THR A 42 -8.48 -18.79 14.39
N LEU A 43 -7.22 -18.43 14.57
CA LEU A 43 -6.11 -19.31 14.29
C LEU A 43 -5.73 -20.03 15.57
N LEU A 44 -5.63 -21.35 15.47
CA LEU A 44 -5.46 -22.20 16.64
C LEU A 44 -4.04 -22.76 16.68
N ILE A 51 -5.36 -17.06 18.23
CA ILE A 51 -5.29 -15.63 17.90
C ILE A 51 -6.35 -15.20 16.87
N HIS A 52 -6.75 -13.94 16.93
CA HIS A 52 -7.62 -13.31 15.93
C HIS A 52 -6.86 -13.14 14.63
N CYS A 53 -7.56 -13.18 13.50
CA CYS A 53 -6.93 -13.02 12.19
C CYS A 53 -7.94 -12.63 11.11
N ALA A 54 -7.42 -12.17 9.98
CA ALA A 54 -8.23 -11.90 8.80
C ALA A 54 -7.96 -13.01 7.78
N VAL A 55 -9.02 -13.47 7.12
CA VAL A 55 -8.94 -14.61 6.22
C VAL A 55 -9.49 -14.16 4.88
N LYS A 56 -8.59 -14.06 3.89
CA LYS A 56 -8.97 -13.62 2.57
C LYS A 56 -9.27 -14.80 1.66
N SER A 57 -10.45 -14.78 1.05
CA SER A 57 -10.86 -15.76 0.07
C SER A 57 -10.32 -15.39 -1.32
N LEU A 58 -10.05 -16.42 -2.14
CA LEU A 58 -9.60 -16.22 -3.52
C LEU A 58 -10.60 -16.89 -4.46
N ASN A 59 -10.97 -16.18 -5.54
CA ASN A 59 -11.94 -16.67 -6.54
C ASN A 59 -11.58 -16.14 -7.93
N SER A 68 -2.79 -20.55 -9.51
CA SER A 68 -1.42 -21.07 -9.57
C SER A 68 -0.39 -19.94 -9.69
N GLN A 69 -0.51 -19.14 -10.74
CA GLN A 69 0.43 -18.02 -10.98
C GLN A 69 0.29 -16.94 -9.91
N PHE A 70 -0.92 -16.70 -9.43
CA PHE A 70 -1.13 -15.73 -8.36
C PHE A 70 -0.41 -16.17 -7.07
N LEU A 71 -0.51 -17.46 -6.76
CA LEU A 71 0.04 -17.98 -5.51
C LEU A 71 1.56 -18.07 -5.58
N THR A 72 2.09 -18.62 -6.67
CA THR A 72 3.53 -18.75 -6.83
C THR A 72 4.25 -17.40 -6.87
N GLU A 73 3.62 -16.38 -7.44
CA GLU A 73 4.26 -15.07 -7.53
C GLU A 73 4.12 -14.25 -6.25
N GLY A 74 3.18 -14.65 -5.39
CA GLY A 74 2.94 -13.96 -4.12
C GLY A 74 3.51 -14.65 -2.89
N ILE A 75 3.94 -15.91 -3.03
CA ILE A 75 4.36 -16.71 -1.89
C ILE A 75 5.70 -16.27 -1.25
N ILE A 76 6.49 -15.44 -1.96
CA ILE A 76 7.70 -14.83 -1.37
C ILE A 76 7.43 -14.13 -0.06
N MET A 77 6.21 -13.62 0.10
CA MET A 77 5.88 -12.84 1.29
C MET A 77 6.07 -13.61 2.59
N LYS A 78 6.12 -14.95 2.51
CA LYS A 78 6.34 -15.79 3.69
C LYS A 78 7.67 -15.49 4.36
N ASP A 79 8.67 -15.12 3.56
CA ASP A 79 10.01 -14.84 4.08
C ASP A 79 10.13 -13.45 4.71
N PHE A 80 9.14 -12.59 4.52
CA PHE A 80 9.23 -11.20 4.97
C PHE A 80 8.79 -11.06 6.43
N SER A 81 9.59 -10.35 7.23
CA SER A 81 9.16 -9.91 8.56
C SER A 81 9.72 -8.52 8.87
N HIS A 82 8.82 -7.55 9.04
CA HIS A 82 9.20 -6.17 9.39
C HIS A 82 7.98 -5.48 10.00
N PRO A 83 8.18 -4.67 11.05
CA PRO A 83 7.01 -4.07 11.69
C PRO A 83 6.07 -3.27 10.82
N ASN A 84 6.56 -2.63 9.74
CA ASN A 84 5.72 -1.87 8.81
C ASN A 84 5.41 -2.58 7.47
N VAL A 85 5.41 -3.90 7.51
CA VAL A 85 5.08 -4.75 6.37
C VAL A 85 4.11 -5.81 6.88
N LEU A 86 3.00 -6.01 6.18
CA LEU A 86 2.00 -6.99 6.57
C LEU A 86 2.56 -8.38 6.34
N SER A 87 2.52 -9.20 7.39
CA SER A 87 3.03 -10.55 7.31
C SER A 87 1.96 -11.56 6.85
N LEU A 88 2.43 -12.75 6.51
CA LEU A 88 1.55 -13.87 6.16
C LEU A 88 1.54 -14.84 7.31
N LEU A 89 0.35 -15.21 7.79
CA LEU A 89 0.24 -16.26 8.81
C LEU A 89 0.23 -17.63 8.14
N GLY A 90 -0.50 -17.75 7.03
CA GLY A 90 -0.45 -18.97 6.25
C GLY A 90 -1.51 -19.09 5.18
N ILE A 91 -1.56 -20.29 4.59
CA ILE A 91 -2.54 -20.65 3.58
C ILE A 91 -3.30 -21.87 4.07
N CYS A 92 -4.63 -21.81 3.99
CA CYS A 92 -5.46 -22.95 4.34
C CYS A 92 -6.21 -23.45 3.09
N LEU A 93 -6.28 -24.76 2.93
CA LEU A 93 -7.03 -25.38 1.83
C LEU A 93 -7.72 -26.66 2.28
N SER A 98 -10.66 -23.42 -3.47
CA SER A 98 -10.74 -21.99 -3.08
C SER A 98 -9.89 -21.76 -1.82
N PRO A 99 -8.56 -21.64 -2.00
CA PRO A 99 -7.66 -21.47 -0.86
C PRO A 99 -7.90 -20.18 -0.07
N LEU A 100 -7.49 -20.20 1.20
CA LEU A 100 -7.69 -19.07 2.10
C LEU A 100 -6.33 -18.55 2.54
N VAL A 101 -6.13 -17.24 2.37
CA VAL A 101 -4.94 -16.57 2.85
C VAL A 101 -5.22 -15.99 4.22
N VAL A 102 -4.40 -16.36 5.19
CA VAL A 102 -4.60 -15.99 6.57
C VAL A 102 -3.56 -14.93 6.94
N LEU A 103 -4.06 -13.78 7.36
CA LEU A 103 -3.27 -12.59 7.62
C LEU A 103 -3.55 -12.03 9.01
N PRO A 104 -2.63 -11.20 9.55
CA PRO A 104 -2.87 -10.58 10.85
C PRO A 104 -4.08 -9.66 10.85
N TYR A 105 -4.79 -9.63 11.98
CA TYR A 105 -5.96 -8.77 12.13
C TYR A 105 -5.46 -7.34 12.24
N MET A 106 -6.09 -6.42 11.51
CA MET A 106 -5.69 -5.02 11.50
C MET A 106 -6.88 -4.14 11.96
N LYS A 107 -6.98 -4.00 13.29
CA LYS A 107 -8.14 -3.40 13.96
C LYS A 107 -8.65 -2.10 13.34
N HIS A 108 -7.75 -1.24 12.91
CA HIS A 108 -8.14 0.10 12.48
C HIS A 108 -8.27 0.28 10.97
N GLY A 109 -8.24 -0.82 10.23
CA GLY A 109 -8.52 -0.79 8.79
C GLY A 109 -7.45 -0.13 7.94
N ASP A 110 -7.84 0.34 6.77
CA ASP A 110 -6.89 0.93 5.85
C ASP A 110 -6.59 2.37 6.28
N LEU A 111 -5.39 2.81 5.91
CA LEU A 111 -4.90 4.16 6.19
C LEU A 111 -5.75 5.29 5.59
N ARG A 112 -6.22 5.11 4.35
CA ARG A 112 -7.03 6.15 3.72
C ARG A 112 -8.32 6.42 4.49
N ASN A 113 -9.08 5.38 4.81
CA ASN A 113 -10.29 5.57 5.60
C ASN A 113 -10.00 6.08 7.02
N PHE A 114 -8.88 5.65 7.61
CA PHE A 114 -8.50 6.11 8.92
C PHE A 114 -8.40 7.64 8.99
N ILE A 115 -7.71 8.25 8.03
CA ILE A 115 -7.49 9.70 7.99
C ILE A 115 -8.69 10.50 7.48
N ARG A 116 -9.61 9.86 6.75
CA ARG A 116 -10.84 10.52 6.32
C ARG A 116 -11.92 10.55 7.41
N ASN A 117 -11.72 9.77 8.48
CA ASN A 117 -12.69 9.77 9.59
C ASN A 117 -12.59 11.07 10.42
N GLU A 118 -13.56 11.95 10.25
CA GLU A 118 -13.48 13.30 10.81
C GLU A 118 -13.81 13.39 12.30
N THR A 119 -14.28 12.28 12.87
CA THR A 119 -14.44 12.12 14.31
C THR A 119 -13.10 12.13 15.07
N HIS A 120 -12.03 11.77 14.37
CA HIS A 120 -10.67 11.80 14.90
C HIS A 120 -9.90 12.87 14.13
N ASN A 121 -9.08 13.65 14.84
CA ASN A 121 -8.20 14.65 14.20
C ASN A 121 -6.73 14.31 14.42
N PRO A 122 -6.12 13.61 13.44
CA PRO A 122 -4.69 13.39 13.54
C PRO A 122 -3.98 14.74 13.49
N THR A 123 -2.83 14.84 14.15
CA THR A 123 -1.97 16.01 14.02
C THR A 123 -1.22 15.94 12.70
N VAL A 124 -0.60 17.04 12.29
CA VAL A 124 0.29 17.00 11.13
C VAL A 124 1.43 16.04 11.45
N LYS A 125 1.96 16.12 12.66
CA LYS A 125 2.99 15.16 13.09
C LYS A 125 2.53 13.70 12.94
N ASP A 126 1.29 13.39 13.33
CA ASP A 126 0.76 12.02 13.15
C ASP A 126 0.80 11.57 11.70
N LEU A 127 0.29 12.43 10.84
CA LEU A 127 0.18 12.16 9.43
C LEU A 127 1.53 11.93 8.77
N ILE A 128 2.51 12.77 9.09
CA ILE A 128 3.89 12.55 8.61
C ILE A 128 4.44 11.23 9.19
N GLY A 129 4.08 10.97 10.44
CA GLY A 129 4.44 9.73 11.15
C GLY A 129 4.00 8.50 10.39
N PHE A 130 2.77 8.55 9.88
CA PHE A 130 2.23 7.45 9.10
C PHE A 130 3.06 7.25 7.84
N GLY A 131 3.36 8.34 7.13
CA GLY A 131 4.22 8.24 5.95
C GLY A 131 5.62 7.74 6.25
N LEU A 132 6.16 8.15 7.40
CA LEU A 132 7.44 7.65 7.83
C LEU A 132 7.40 6.12 8.02
N GLN A 133 6.36 5.62 8.67
CA GLN A 133 6.23 4.18 8.81
C GLN A 133 6.09 3.47 7.45
N VAL A 134 5.34 4.05 6.51
CA VAL A 134 5.23 3.46 5.17
C VAL A 134 6.60 3.41 4.51
N ALA A 135 7.36 4.48 4.63
CA ALA A 135 8.71 4.56 4.09
C ALA A 135 9.62 3.47 4.62
N LYS A 136 9.51 3.15 5.92
CA LYS A 136 10.29 2.10 6.57
C LYS A 136 9.95 0.70 6.04
N GLY A 137 8.66 0.43 5.92
CA GLY A 137 8.15 -0.78 5.26
C GLY A 137 8.63 -0.94 3.83
N MET A 138 8.56 0.13 3.05
CA MET A 138 9.04 0.11 1.66
C MET A 138 10.55 -0.03 1.55
N LYS A 139 11.28 0.61 2.47
CA LYS A 139 12.73 0.41 2.59
C LYS A 139 13.07 -1.06 2.75
N TYR A 140 12.37 -1.74 3.67
CA TYR A 140 12.58 -3.17 3.86
C TYR A 140 12.29 -3.96 2.59
N LEU A 141 11.16 -3.67 1.95
CA LEU A 141 10.78 -4.42 0.74
C LEU A 141 11.75 -4.16 -0.40
N ALA A 142 12.16 -2.90 -0.59
CA ALA A 142 13.18 -2.60 -1.57
C ALA A 142 14.52 -3.31 -1.31
N SER A 143 14.88 -3.48 -0.04
CA SER A 143 16.11 -4.20 0.34
C SER A 143 16.01 -5.70 0.06
N LYS A 144 14.77 -6.21 -0.04
CA LYS A 144 14.53 -7.59 -0.48
C LYS A 144 14.25 -7.68 -1.98
N LYS A 145 14.45 -6.56 -2.69
CA LYS A 145 14.31 -6.49 -4.14
C LYS A 145 12.88 -6.78 -4.62
N PHE A 146 11.91 -6.44 -3.80
CA PHE A 146 10.51 -6.70 -4.08
C PHE A 146 9.84 -5.41 -4.53
N VAL A 147 9.06 -5.49 -5.61
CA VAL A 147 8.35 -4.34 -6.14
C VAL A 147 6.85 -4.46 -5.82
N HIS A 148 6.33 -3.51 -5.06
CA HIS A 148 4.93 -3.52 -4.65
C HIS A 148 3.94 -3.38 -5.83
N ARG A 149 4.10 -2.31 -6.62
CA ARG A 149 3.28 -2.01 -7.81
C ARG A 149 1.92 -1.32 -7.59
N ASP A 150 1.49 -1.20 -6.34
CA ASP A 150 0.20 -0.56 -6.03
C ASP A 150 0.21 0.08 -4.65
N LEU A 151 1.28 0.81 -4.37
CA LEU A 151 1.36 1.53 -3.15
C LEU A 151 0.40 2.74 -3.18
N ALA A 152 -0.38 2.86 -2.11
CA ALA A 152 -1.41 3.90 -1.97
C ALA A 152 -1.95 3.81 -0.56
N ALA A 153 -2.58 4.89 -0.09
CA ALA A 153 -3.07 4.92 1.28
C ALA A 153 -4.13 3.84 1.50
N ARG A 154 -4.94 3.57 0.48
CA ARG A 154 -5.97 2.53 0.56
C ARG A 154 -5.38 1.14 0.79
N ASN A 155 -4.07 0.98 0.53
CA ASN A 155 -3.40 -0.31 0.58
C ASN A 155 -2.42 -0.46 1.76
N CYS A 156 -2.50 0.46 2.72
CA CYS A 156 -1.80 0.34 3.97
C CYS A 156 -2.84 0.17 5.07
N MET A 157 -2.52 -0.67 6.05
CA MET A 157 -3.44 -1.04 7.13
C MET A 157 -2.88 -0.59 8.48
N LEU A 158 -3.76 -0.35 9.45
CA LEU A 158 -3.36 -0.04 10.84
C LEU A 158 -3.81 -1.11 11.83
N ASP A 159 -2.90 -1.52 12.72
CA ASP A 159 -3.21 -2.48 13.77
C ASP A 159 -3.65 -1.77 15.06
N GLU A 160 -3.84 -2.52 16.13
CA GLU A 160 -4.40 -1.98 17.37
C GLU A 160 -3.52 -0.91 18.04
N LYS A 161 -2.21 -0.95 17.79
CA LYS A 161 -1.28 0.05 18.34
C LYS A 161 -0.99 1.19 17.36
N PHE A 162 -1.79 1.26 16.29
CA PHE A 162 -1.68 2.27 15.23
C PHE A 162 -0.39 2.17 14.44
N THR A 163 0.22 0.99 14.43
CA THR A 163 1.34 0.70 13.55
C THR A 163 0.81 0.56 12.12
N VAL A 164 1.41 1.29 11.20
CA VAL A 164 1.08 1.22 9.79
C VAL A 164 1.86 0.08 9.10
N LYS A 165 1.13 -0.77 8.37
CA LYS A 165 1.72 -1.89 7.65
C LYS A 165 1.44 -1.73 6.18
N VAL A 166 2.48 -1.70 5.35
CA VAL A 166 2.30 -1.84 3.91
C VAL A 166 1.62 -3.18 3.67
N ALA A 167 0.51 -3.16 2.92
CA ALA A 167 -0.29 -4.38 2.72
C ALA A 167 -0.61 -4.51 1.22
N ASP A 168 -1.65 -5.28 0.87
CA ASP A 168 -2.06 -5.44 -0.54
C ASP A 168 -0.89 -5.84 -1.46
N PHE A 169 -0.13 -6.82 -1.03
CA PHE A 169 0.92 -7.36 -1.89
C PHE A 169 1.00 -8.84 -1.62
N GLY A 170 1.65 -9.57 -2.51
CA GLY A 170 1.75 -11.00 -2.38
C GLY A 170 0.39 -11.66 -2.45
N LEU A 171 0.13 -12.56 -1.52
CA LEU A 171 -1.15 -13.28 -1.46
C LEU A 171 -2.33 -12.41 -1.03
N ALA A 172 -2.02 -11.25 -0.44
CA ALA A 172 -3.02 -10.23 -0.11
C ALA A 172 -3.34 -9.27 -1.27
N ARG A 173 -2.69 -9.47 -2.42
CA ARG A 173 -2.83 -8.55 -3.55
C ARG A 173 -4.23 -8.62 -4.13
N ASP A 174 -4.85 -7.46 -4.35
CA ASP A 174 -6.20 -7.37 -4.91
C ASP A 174 -6.51 -5.90 -5.25
N MET A 175 -7.71 -5.66 -5.76
CA MET A 175 -8.26 -4.32 -5.84
C MET A 175 -9.29 -4.21 -4.74
N TYR A 176 -9.03 -3.34 -3.78
CA TYR A 176 -9.91 -3.13 -2.65
C TYR A 176 -10.75 -1.85 -2.77
N ASP A 177 -10.55 -1.08 -3.84
CA ASP A 177 -11.42 0.05 -4.18
C ASP A 177 -11.37 0.28 -5.69
N LYS A 178 -12.36 -0.25 -6.40
CA LYS A 178 -12.30 -0.32 -7.87
C LYS A 178 -12.48 1.03 -8.59
N GLU A 179 -12.87 2.08 -7.87
CA GLU A 179 -12.98 3.42 -8.45
C GLU A 179 -11.67 3.88 -9.08
N TYR A 180 -10.57 3.52 -8.44
CA TYR A 180 -9.26 4.07 -8.78
C TYR A 180 -8.41 3.18 -9.69
N TYR A 181 -9.00 2.12 -10.24
CA TYR A 181 -8.33 1.24 -11.19
C TYR A 181 -9.00 1.32 -12.55
N SER A 182 -8.20 1.41 -13.61
CA SER A 182 -8.71 1.50 -14.97
C SER A 182 -7.95 0.53 -15.88
N VAL A 183 -8.62 0.06 -16.93
CA VAL A 183 -8.08 -1.02 -17.78
C VAL A 183 -7.31 -0.48 -19.00
N HIS A 184 -6.11 -1.03 -19.21
CA HIS A 184 -5.32 -0.74 -20.41
C HIS A 184 -3.87 -1.19 -20.24
N THR A 187 -3.84 -4.42 -22.71
CA THR A 187 -3.29 -5.59 -22.01
C THR A 187 -4.29 -6.31 -21.09
N GLY A 188 -5.31 -5.58 -20.61
CA GLY A 188 -6.33 -6.15 -19.75
C GLY A 188 -6.15 -5.81 -18.27
N ALA A 189 -4.92 -5.46 -17.88
CA ALA A 189 -4.62 -5.16 -16.48
C ALA A 189 -5.42 -3.96 -15.98
N LYS A 190 -5.82 -4.01 -14.71
CA LYS A 190 -6.49 -2.89 -14.06
C LYS A 190 -5.41 -2.11 -13.32
N LEU A 191 -5.18 -0.88 -13.77
CA LEU A 191 -4.03 -0.10 -13.33
C LEU A 191 -4.46 1.10 -12.48
N PRO A 192 -3.77 1.34 -11.35
CA PRO A 192 -4.04 2.49 -10.50
C PRO A 192 -3.37 3.75 -11.08
N VAL A 193 -3.92 4.24 -12.19
CA VAL A 193 -3.21 5.22 -13.02
C VAL A 193 -2.76 6.49 -12.30
N LYS A 194 -3.54 6.97 -11.32
CA LYS A 194 -3.21 8.23 -10.64
C LYS A 194 -2.13 8.09 -9.57
N TRP A 195 -1.65 6.86 -9.35
CA TRP A 195 -0.51 6.59 -8.47
C TRP A 195 0.74 6.17 -9.26
N MET A 196 0.59 5.99 -10.56
CA MET A 196 1.66 5.42 -11.40
C MET A 196 2.68 6.45 -11.87
N ALA A 197 3.93 6.02 -11.90
CA ALA A 197 5.01 6.80 -12.47
C ALA A 197 4.79 7.02 -13.95
N LEU A 198 5.34 8.11 -14.46
CA LEU A 198 5.17 8.48 -15.85
C LEU A 198 5.60 7.37 -16.82
N GLU A 199 6.71 6.70 -16.51
CA GLU A 199 7.22 5.63 -17.37
C GLU A 199 6.34 4.36 -17.33
N SER A 200 5.70 4.10 -16.19
CA SER A 200 4.79 2.96 -16.10
C SER A 200 3.52 3.24 -16.90
N LEU A 201 3.12 4.50 -16.96
CA LEU A 201 1.95 4.88 -17.79
C LEU A 201 2.22 4.70 -19.27
N GLN A 202 3.48 4.92 -19.66
CA GLN A 202 3.88 4.76 -21.04
C GLN A 202 4.22 3.29 -21.36
N THR A 203 4.86 2.57 -20.43
CA THR A 203 5.38 1.22 -20.72
C THR A 203 4.65 0.05 -20.03
N GLN A 204 3.81 0.37 -19.06
CA GLN A 204 3.17 -0.63 -18.17
C GLN A 204 4.15 -1.51 -17.38
N LYS A 205 5.39 -1.03 -17.19
CA LYS A 205 6.38 -1.74 -16.41
C LYS A 205 6.64 -1.02 -15.08
N PHE A 206 6.83 -1.80 -14.03
CA PHE A 206 7.04 -1.26 -12.70
C PHE A 206 8.41 -1.66 -12.14
N THR A 207 8.90 -0.82 -11.23
CA THR A 207 10.21 -0.95 -10.57
C THR A 207 10.13 -0.35 -9.18
N THR A 208 11.16 -0.58 -8.36
CA THR A 208 11.24 0.06 -7.06
C THR A 208 11.11 1.57 -7.20
N LYS A 209 11.69 2.14 -8.24
CA LYS A 209 11.64 3.58 -8.44
C LYS A 209 10.25 4.06 -8.84
N SER A 210 9.42 3.20 -9.43
CA SER A 210 8.02 3.57 -9.68
C SER A 210 7.22 3.49 -8.38
N ASP A 211 7.58 2.57 -7.48
CA ASP A 211 7.04 2.58 -6.11
C ASP A 211 7.32 3.91 -5.39
N VAL A 212 8.51 4.45 -5.60
CA VAL A 212 8.89 5.76 -5.03
C VAL A 212 7.95 6.86 -5.49
N TRP A 213 7.66 6.93 -6.80
CA TRP A 213 6.62 7.81 -7.34
C TRP A 213 5.30 7.68 -6.56
N SER A 214 4.77 6.46 -6.50
CA SER A 214 3.56 6.14 -5.74
C SER A 214 3.63 6.61 -4.28
N PHE A 215 4.77 6.40 -3.65
CA PHE A 215 5.00 6.86 -2.29
C PHE A 215 4.76 8.37 -2.15
N GLY A 216 5.23 9.15 -3.11
CA GLY A 216 5.01 10.58 -3.13
C GLY A 216 3.52 10.92 -3.19
N VAL A 217 2.77 10.17 -4.00
CA VAL A 217 1.33 10.38 -4.06
C VAL A 217 0.66 10.02 -2.74
N LEU A 218 1.05 8.90 -2.15
CA LEU A 218 0.58 8.53 -0.81
C LEU A 218 0.86 9.65 0.24
N LEU A 219 2.03 10.30 0.15
CA LEU A 219 2.35 11.42 1.07
C LEU A 219 1.37 12.57 0.91
N TRP A 220 1.01 12.85 -0.35
CA TRP A 220 0.04 13.88 -0.68
C TRP A 220 -1.31 13.48 -0.13
N GLU A 221 -1.64 12.19 -0.23
CA GLU A 221 -2.89 11.69 0.34
C GLU A 221 -2.92 11.95 1.83
N LEU A 222 -1.80 11.69 2.47
CA LEU A 222 -1.67 11.91 3.90
C LEU A 222 -1.90 13.36 4.29
N MET A 223 -1.24 14.26 3.60
CA MET A 223 -1.34 15.69 3.92
C MET A 223 -2.68 16.33 3.60
N THR A 224 -3.50 15.69 2.76
CA THR A 224 -4.84 16.17 2.47
C THR A 224 -5.90 15.39 3.24
N ARG A 225 -5.45 14.44 4.07
CA ARG A 225 -6.36 13.53 4.79
C ARG A 225 -7.27 12.80 3.81
N GLY A 226 -6.66 12.27 2.75
CA GLY A 226 -7.31 11.32 1.86
C GLY A 226 -8.14 11.92 0.75
N ALA A 227 -7.78 13.11 0.27
CA ALA A 227 -8.43 13.64 -0.93
C ALA A 227 -7.99 12.79 -2.12
N PRO A 228 -8.85 12.63 -3.13
CA PRO A 228 -8.45 11.93 -4.34
C PRO A 228 -7.52 12.79 -5.20
N PRO A 229 -6.40 12.22 -5.69
CA PRO A 229 -5.47 13.01 -6.52
C PRO A 229 -6.00 13.35 -7.91
N TYR A 230 -5.62 14.52 -8.42
CA TYR A 230 -6.01 14.99 -9.74
C TYR A 230 -7.52 14.86 -10.01
N PRO A 231 -8.36 15.41 -9.13
CA PRO A 231 -9.81 15.20 -9.23
C PRO A 231 -10.47 15.84 -10.47
N ASP A 232 -9.76 16.75 -11.12
CA ASP A 232 -10.26 17.40 -12.34
C ASP A 232 -9.65 16.79 -13.62
N VAL A 233 -9.03 15.62 -13.50
CA VAL A 233 -8.37 14.98 -14.64
C VAL A 233 -8.99 13.59 -14.89
N ASN A 234 -9.71 13.45 -16.00
CA ASN A 234 -10.29 12.15 -16.36
C ASN A 234 -9.18 11.11 -16.50
N THR A 235 -9.45 9.91 -15.99
CA THR A 235 -8.42 8.92 -15.67
C THR A 235 -7.22 8.87 -16.64
N PHE A 236 -7.43 8.55 -17.91
CA PHE A 236 -6.29 8.38 -18.83
C PHE A 236 -5.85 9.69 -19.52
N ASP A 237 -6.38 10.82 -19.09
CA ASP A 237 -5.81 12.12 -19.46
C ASP A 237 -4.67 12.52 -18.52
N ILE A 238 -4.36 11.66 -17.55
CA ILE A 238 -3.29 11.92 -16.59
C ILE A 238 -1.90 11.92 -17.24
N THR A 239 -1.70 11.02 -18.19
CA THR A 239 -0.41 10.86 -18.86
C THR A 239 0.02 12.17 -19.55
N VAL A 240 -0.86 12.74 -20.38
CA VAL A 240 -0.55 14.02 -21.04
C VAL A 240 -0.37 15.18 -20.04
N TYR A 241 -1.16 15.15 -18.97
CA TYR A 241 -1.07 16.15 -17.92
C TYR A 241 0.34 16.20 -17.33
N LEU A 242 0.87 15.03 -16.99
CA LEU A 242 2.22 14.92 -16.45
C LEU A 242 3.29 15.26 -17.49
N LEU A 243 3.02 14.96 -18.76
CA LEU A 243 4.00 15.21 -19.81
C LEU A 243 4.13 16.69 -20.06
N GLN A 244 3.07 17.45 -19.74
CA GLN A 244 3.05 18.90 -19.93
C GLN A 244 3.92 19.64 -18.90
N GLY A 245 4.34 18.93 -17.87
CA GLY A 245 5.21 19.47 -16.81
C GLY A 245 4.40 19.87 -15.57
N ARG A 246 3.39 19.09 -15.24
CA ARG A 246 2.43 19.40 -14.17
C ARG A 246 2.44 18.33 -13.12
N ARG A 247 2.16 18.75 -11.88
CA ARG A 247 2.20 17.87 -10.73
C ARG A 247 1.11 18.25 -9.73
N LEU A 248 0.84 17.36 -8.81
CA LEU A 248 -0.06 17.66 -7.69
C LEU A 248 0.39 18.92 -6.93
N LEU A 249 -0.58 19.72 -6.51
CA LEU A 249 -0.30 21.01 -5.90
C LEU A 249 -0.03 20.78 -4.44
N GLN A 250 0.61 21.75 -3.80
CA GLN A 250 1.05 21.56 -2.42
C GLN A 250 -0.16 21.70 -1.50
N PRO A 251 -0.45 20.65 -0.70
CA PRO A 251 -1.57 20.78 0.23
C PRO A 251 -1.37 21.90 1.24
N GLU A 252 -2.47 22.50 1.69
CA GLU A 252 -2.42 23.58 2.65
C GLU A 252 -1.57 23.27 3.89
N TYR A 253 -1.76 22.10 4.46
CA TYR A 253 -1.03 21.74 5.69
C TYR A 253 0.30 21.05 5.45
N CYS A 254 0.70 20.90 4.20
CA CYS A 254 1.97 20.26 3.86
C CYS A 254 3.13 21.24 3.97
N PRO A 255 4.10 20.94 4.86
CA PRO A 255 5.28 21.80 5.00
C PRO A 255 6.16 21.79 3.75
N ASP A 256 6.82 22.91 3.48
CA ASP A 256 7.62 23.07 2.26
C ASP A 256 8.62 21.92 2.03
N PRO A 257 9.40 21.54 3.06
CA PRO A 257 10.37 20.42 2.93
C PRO A 257 9.74 19.10 2.54
N LEU A 258 8.50 18.86 2.96
CA LEU A 258 7.81 17.61 2.61
C LEU A 258 7.28 17.63 1.19
N TYR A 259 6.81 18.80 0.73
CA TYR A 259 6.44 18.99 -0.66
C TYR A 259 7.65 18.83 -1.58
N GLU A 260 8.82 19.29 -1.11
CA GLU A 260 10.08 19.02 -1.82
C GLU A 260 10.35 17.53 -1.97
N VAL A 261 10.11 16.76 -0.90
CA VAL A 261 10.24 15.31 -0.95
C VAL A 261 9.30 14.73 -2.01
N MET A 262 8.02 15.11 -1.94
CA MET A 262 7.02 14.68 -2.95
C MET A 262 7.48 14.92 -4.37
N LEU A 263 7.90 16.15 -4.65
CA LEU A 263 8.37 16.52 -5.99
C LEU A 263 9.57 15.70 -6.45
N LYS A 264 10.55 15.46 -5.58
CA LYS A 264 11.67 14.54 -5.90
C LYS A 264 11.15 13.15 -6.30
N CYS A 265 10.19 12.63 -5.53
CA CYS A 265 9.57 11.33 -5.81
C CYS A 265 8.93 11.24 -7.20
N TRP A 266 8.54 12.38 -7.76
CA TRP A 266 7.95 12.41 -9.09
C TRP A 266 8.91 12.98 -10.16
N HIS A 267 10.23 12.89 -9.94
CA HIS A 267 11.23 13.27 -10.94
C HIS A 267 11.02 12.45 -12.21
N PRO A 268 11.09 13.07 -13.41
CA PRO A 268 10.87 12.30 -14.65
C PRO A 268 11.82 11.12 -14.86
N LYS A 269 13.05 11.22 -14.35
CA LYS A 269 14.03 10.14 -14.45
C LYS A 269 14.01 9.31 -13.18
N ALA A 270 13.66 8.04 -13.35
CA ALA A 270 13.54 7.12 -12.24
C ALA A 270 14.75 7.15 -11.31
N GLU A 271 15.94 7.18 -11.89
CA GLU A 271 17.19 7.03 -11.13
C GLU A 271 17.52 8.27 -10.33
N MET A 272 16.86 9.39 -10.65
CA MET A 272 17.02 10.62 -9.91
C MET A 272 16.03 10.71 -8.76
N ARG A 273 15.15 9.72 -8.60
CA ARG A 273 14.26 9.71 -7.44
C ARG A 273 15.00 9.23 -6.23
N PRO A 274 14.61 9.71 -5.04
CA PRO A 274 15.27 9.22 -3.83
C PRO A 274 14.98 7.74 -3.57
N SER A 275 15.94 7.07 -2.92
CA SER A 275 15.74 5.73 -2.36
C SER A 275 14.83 5.81 -1.16
N PHE A 276 14.28 4.68 -0.77
CA PHE A 276 13.45 4.65 0.43
C PHE A 276 14.31 4.87 1.68
N SER A 277 15.59 4.48 1.60
CA SER A 277 16.52 4.74 2.70
C SER A 277 16.69 6.25 2.90
N GLU A 278 16.86 6.99 1.80
CA GLU A 278 16.93 8.44 1.90
C GLU A 278 15.61 9.03 2.38
N LEU A 279 14.48 8.47 1.95
CA LEU A 279 13.17 8.96 2.39
C LEU A 279 12.92 8.77 3.88
N VAL A 280 13.22 7.60 4.42
CA VAL A 280 13.16 7.38 5.88
C VAL A 280 13.96 8.45 6.65
N SER A 281 15.19 8.72 6.21
CA SER A 281 16.07 9.69 6.88
C SER A 281 15.52 11.13 6.83
N ARG A 282 15.13 11.57 5.64
CA ARG A 282 14.65 12.93 5.43
C ARG A 282 13.28 13.17 6.06
N ILE A 283 12.40 12.16 5.97
CA ILE A 283 11.10 12.26 6.62
C ILE A 283 11.20 12.18 8.15
N SER A 284 12.13 11.37 8.68
CA SER A 284 12.44 11.37 10.13
C SER A 284 12.73 12.78 10.64
N ALA A 285 13.63 13.46 9.94
CA ALA A 285 14.00 14.84 10.24
C ALA A 285 12.80 15.78 10.24
N ILE A 286 11.97 15.71 9.21
CA ILE A 286 10.81 16.58 9.09
C ILE A 286 9.80 16.28 10.21
N PHE A 287 9.56 14.99 10.44
CA PHE A 287 8.65 14.50 11.48
C PHE A 287 9.04 15.10 12.83
N SER A 288 10.34 15.09 13.10
CA SER A 288 10.87 15.50 14.38
C SER A 288 10.70 17.00 14.68
N THR A 289 10.38 17.81 13.67
CA THR A 289 10.29 19.26 13.90
C THR A 289 8.88 19.68 14.33
N PHE A 290 7.97 18.71 14.43
CA PHE A 290 6.59 18.97 14.82
C PHE A 290 6.28 18.62 16.27
N ILE A 291 5.32 19.35 16.82
CA ILE A 291 4.82 19.13 18.17
C ILE A 291 3.72 18.07 18.10
N GLY A 292 3.87 17.01 18.89
CA GLY A 292 2.87 15.96 18.96
C GLY A 292 1.58 16.43 19.60
C1 3EH B . -8.63 -2.66 2.74
C2 3EH B . -9.34 -2.94 3.91
C3 3EH B . -9.05 -1.61 1.95
C4 3EH B . -10.46 -2.17 4.25
C5 3EH B . -10.16 -0.83 2.29
C6 3EH B . -10.88 -1.12 3.44
C7 3EH B . -5.02 -5.10 2.28
N10 3EH B . -7.38 -4.71 2.75
C11 3EH B . -6.36 -2.88 1.47
C12 3EH B . -7.45 -3.47 2.35
C15 3EH B . -7.48 -7.00 6.72
C16 3EH B . -5.22 -7.77 6.49
C17 3EH B . -7.54 -6.84 5.34
C18 3EH B . -5.29 -7.61 5.13
C19 3EH B . -6.46 -7.14 4.54
C24 3EH B . -9.98 0.68 0.32
O28 3EH B . -10.06 -6.16 9.22
C30 3EH B . -10.78 -4.43 10.83
C31 3EH B . -12.20 -4.34 10.30
C33 3EH B . -13.56 -3.13 8.66
C34 3EH B . -14.90 -3.50 9.31
C35 3EH B . -12.50 -1.89 10.52
C36 3EH B . -12.20 -0.56 9.83
O27 3EH B . -8.04 -7.04 9.56
C26 3EH B . -8.86 -6.63 8.78
C29 3EH B . -10.23 -5.85 10.60
N32 3EH B . -12.40 -3.04 9.59
N20 3EH B . -8.64 -6.61 7.42
C14 3EH B . -6.30 -7.45 7.30
C13 3EH B . -6.59 -6.95 3.04
N8 3EH B . -6.30 -5.59 2.49
S9 3EH B . -4.75 -3.39 2.06
O21 3EH B . -4.10 -5.89 2.31
O22 3EH B . -10.59 0.22 1.52
O23 3EH B . -11.95 -0.32 3.74
C25 3EH B . -13.15 -0.75 4.37
C20 7PE C . -6.08 20.47 11.52
O19 7PE C . -5.62 19.17 11.82
C18 7PE C . -4.32 18.82 11.38
C17 7PE C . -4.29 17.58 10.50
O16 7PE C . -3.97 17.92 9.14
C15 7PE C . -5.14 18.28 8.48
C14 7PE C . -4.89 18.51 7.02
O13 7PE C . -6.04 18.25 6.29
C12 7PE C . -7.07 19.20 6.33
C11 7PE C . -8.26 18.44 5.88
O10 7PE C . -9.41 19.08 6.35
C9 7PE C . -9.92 18.64 7.61
C8 7PE C . -11.16 17.82 7.34
O7 7PE C . -10.76 16.47 7.06
C6 7PE C . -11.82 15.55 7.30
C5 7PE C . -11.55 14.32 6.49
O4 7PE C . -11.53 14.68 5.11
C3 7PE C . -12.20 13.80 4.20
C2 7PE C . -11.51 13.84 2.84
O1 7PE C . -10.99 15.14 2.52
C14 7PE D . -5.18 -7.45 -9.29
O13 7PE D . -5.02 -6.07 -9.58
C12 7PE D . -4.37 -5.40 -8.52
C11 7PE D . -3.86 -4.05 -8.99
O10 7PE D . -2.56 -4.22 -9.47
C9 7PE D . -1.89 -3.04 -9.79
C8 7PE D . -0.50 -3.42 -10.22
O7 7PE D . -0.53 -3.91 -11.55
C6 7PE D . 0.74 -4.34 -11.99
C5 7PE D . 0.59 -4.93 -13.37
O4 7PE D . 0.10 -6.27 -13.30
#